data_6AX1
#
_entry.id   6AX1
#
_cell.length_a   86.360
_cell.length_b   126.900
_cell.length_c   137.510
_cell.angle_alpha   90.000
_cell.angle_beta   90.000
_cell.angle_gamma   90.000
#
_symmetry.space_group_name_H-M   'I 2 2 2'
#
loop_
_entity.id
_entity.type
_entity.pdbx_description
1 polymer 'Monoglyceride lipase'
2 non-polymer '1,1,1,3,3,3-hexafluoropropan-2-yl 3-(3-phenyl-1,2,4-oxadiazol-5-yl)azetidine-1-carboxylate'
3 non-polymer GLYCEROL
4 water water
#
_entity_poly.entity_id   1
_entity_poly.type   'polypeptide(L)'
_entity_poly.pdbx_seq_one_letter_code
;MASRGSHHHHHHGAGDRGPEFPSSMPEESSPRRTPQSIPYQDLPHLVNADGQYLFCRYWKPTGTPKALIFVSHGAGEHSG
RYEELARMLMGLDLLVFAHDHVGHGQSEGERMVVSDFHVFVRDVLQHVDSMQKDYPGLPVFLLGHSMGGAIAILTAAERP
GHFAGMVLISPLVLANPESATTFKVLAAKVLNLVLPNLSLGPIDSSVLSRNKTEVDIYNSDPLICRAGLKVCFGIQLLNA
VSRVERALPKLTVPFLLLQGSADRLCDSKGAYLLMELAKSQDKTLKIYEGAYHVLHKELPEVTNSVFHEINMWVSQRTAT
AGTASPPLEVDLQGDHGLSAWSHPQFEK
;
_entity_poly.pdbx_strand_id   A,B
#
loop_
_chem_comp.id
_chem_comp.type
_chem_comp.name
_chem_comp.formula
C0S non-polymer '1,1,1,3,3,3-hexafluoropropan-2-yl 3-(3-phenyl-1,2,4-oxadiazol-5-yl)azetidine-1-carboxylate' 'C15 H11 F6 N3 O3'
GOL non-polymer GLYCEROL 'C3 H8 O3'
#
# COMPACT_ATOMS: atom_id res chain seq x y z
N ASP A 42 -35.80 -7.34 24.69
CA ASP A 42 -36.12 -8.27 23.60
C ASP A 42 -34.94 -8.69 22.73
N LEU A 43 -34.11 -7.74 22.28
CA LEU A 43 -33.00 -7.98 21.33
C LEU A 43 -31.65 -8.10 22.05
N PRO A 44 -30.59 -8.76 21.45
CA PRO A 44 -29.25 -8.73 22.08
C PRO A 44 -28.88 -7.25 22.29
N HIS A 45 -28.38 -6.93 23.50
CA HIS A 45 -28.05 -5.57 23.86
C HIS A 45 -26.97 -5.50 24.93
N LEU A 46 -26.61 -4.27 25.30
CA LEU A 46 -25.58 -3.90 26.26
C LEU A 46 -26.06 -2.58 26.90
N VAL A 47 -25.69 -2.34 28.16
CA VAL A 47 -26.05 -1.08 28.82
C VAL A 47 -24.75 -0.30 29.02
N ASN A 48 -24.60 0.84 28.35
CA ASN A 48 -23.37 1.63 28.42
C ASN A 48 -23.23 2.37 29.77
N ALA A 49 -22.07 3.04 30.00
CA ALA A 49 -21.78 3.78 31.24
C ALA A 49 -22.82 4.90 31.53
N ASP A 50 -23.53 5.38 30.50
CA ASP A 50 -24.57 6.41 30.68
C ASP A 50 -25.97 5.82 30.93
N GLY A 51 -26.06 4.50 31.09
CA GLY A 51 -27.33 3.83 31.31
C GLY A 51 -28.17 3.69 30.04
N GLN A 52 -27.54 3.81 28.84
CA GLN A 52 -28.23 3.69 27.55
C GLN A 52 -28.06 2.28 26.97
N TYR A 53 -29.15 1.76 26.40
CA TYR A 53 -29.17 0.47 25.73
C TYR A 53 -28.61 0.59 24.33
N LEU A 54 -27.62 -0.27 24.04
CA LEU A 54 -27.01 -0.38 22.73
C LEU A 54 -27.40 -1.71 22.14
N PHE A 55 -27.98 -1.69 20.93
CA PHE A 55 -28.36 -2.89 20.20
C PHE A 55 -27.07 -3.59 19.76
N CYS A 56 -26.97 -4.91 20.03
CA CYS A 56 -25.81 -5.75 19.71
C CYS A 56 -26.13 -6.77 18.62
N ARG A 57 -25.07 -7.13 17.88
CA ARG A 57 -25.13 -8.09 16.77
C ARG A 57 -23.93 -9.03 16.88
N TYR A 58 -24.17 -10.34 16.73
CA TYR A 58 -23.16 -11.42 16.82
C TYR A 58 -23.28 -12.36 15.64
N TRP A 59 -22.12 -12.77 15.10
CA TRP A 59 -22.01 -13.75 14.02
C TRP A 59 -20.98 -14.76 14.54
N LYS A 60 -21.49 -15.82 15.16
CA LYS A 60 -20.67 -16.84 15.82
C LYS A 60 -20.36 -18.01 14.90
N PRO A 61 -19.06 -18.41 14.72
CA PRO A 61 -18.76 -19.57 13.86
C PRO A 61 -19.24 -20.91 14.44
N THR A 62 -19.30 -21.94 13.58
CA THR A 62 -19.73 -23.30 13.94
C THR A 62 -18.89 -23.87 15.09
N GLY A 63 -17.57 -23.90 14.90
CA GLY A 63 -16.64 -24.42 15.90
C GLY A 63 -16.11 -23.38 16.87
N THR A 64 -14.91 -23.64 17.41
CA THR A 64 -14.25 -22.74 18.34
C THR A 64 -13.61 -21.58 17.55
N PRO A 65 -13.88 -20.32 17.95
CA PRO A 65 -13.30 -19.19 17.22
C PRO A 65 -11.78 -19.09 17.33
N LYS A 66 -11.12 -18.61 16.26
CA LYS A 66 -9.68 -18.41 16.19
C LYS A 66 -9.31 -16.99 16.67
N ALA A 67 -10.27 -16.05 16.53
CA ALA A 67 -10.08 -14.65 16.91
C ALA A 67 -11.42 -13.96 17.05
N LEU A 68 -11.38 -12.76 17.63
CA LEU A 68 -12.53 -11.88 17.78
C LEU A 68 -12.35 -10.69 16.86
N ILE A 69 -13.44 -10.17 16.31
CA ILE A 69 -13.37 -8.96 15.48
C ILE A 69 -14.58 -8.08 15.76
N PHE A 70 -14.31 -6.85 16.24
CA PHE A 70 -15.38 -5.86 16.47
C PHE A 70 -15.58 -5.02 15.19
N VAL A 71 -16.82 -4.89 14.73
CA VAL A 71 -17.18 -4.09 13.55
C VAL A 71 -17.76 -2.75 14.02
N SER A 72 -17.14 -1.64 13.59
CA SER A 72 -17.44 -0.25 13.94
C SER A 72 -18.00 0.50 12.70
N HIS A 73 -19.32 0.75 12.70
CA HIS A 73 -20.00 1.40 11.56
C HIS A 73 -19.78 2.92 11.51
N GLY A 74 -20.11 3.54 10.39
CA GLY A 74 -19.96 4.97 10.18
C GLY A 74 -21.11 5.82 10.69
N ALA A 75 -21.00 7.14 10.46
CA ALA A 75 -22.02 8.12 10.86
C ALA A 75 -23.32 7.88 10.08
N GLY A 76 -24.46 7.99 10.76
CA GLY A 76 -25.77 7.81 10.15
C GLY A 76 -26.18 6.39 9.84
N GLU A 77 -25.25 5.44 9.79
CA GLU A 77 -25.62 4.06 9.45
C GLU A 77 -25.76 3.16 10.70
N HIS A 78 -25.60 1.83 10.57
CA HIS A 78 -25.79 0.87 11.68
C HIS A 78 -25.09 -0.46 11.35
N SER A 79 -25.02 -1.40 12.34
CA SER A 79 -24.36 -2.71 12.24
C SER A 79 -24.98 -3.68 11.20
N GLY A 80 -26.27 -3.53 10.91
CA GLY A 80 -26.97 -4.41 9.95
C GLY A 80 -26.41 -4.33 8.53
N ARG A 81 -25.71 -3.24 8.23
CA ARG A 81 -25.08 -3.01 6.93
C ARG A 81 -23.80 -3.83 6.74
N TYR A 82 -23.33 -4.57 7.77
CA TYR A 82 -22.11 -5.37 7.71
C TYR A 82 -22.35 -6.86 7.66
N GLU A 83 -23.58 -7.25 7.37
CA GLU A 83 -24.07 -8.64 7.28
C GLU A 83 -23.18 -9.52 6.40
N GLU A 84 -22.93 -9.11 5.14
CA GLU A 84 -22.14 -9.89 4.18
C GLU A 84 -20.67 -9.98 4.57
N LEU A 85 -20.06 -8.87 4.99
CA LEU A 85 -18.68 -8.81 5.45
C LEU A 85 -18.50 -9.71 6.68
N ALA A 86 -19.46 -9.66 7.62
CA ALA A 86 -19.45 -10.47 8.84
C ALA A 86 -19.61 -11.97 8.56
N ARG A 87 -20.41 -12.35 7.53
CA ARG A 87 -20.57 -13.76 7.14
C ARG A 87 -19.27 -14.31 6.56
N MET A 88 -18.57 -13.50 5.75
CA MET A 88 -17.26 -13.85 5.19
C MET A 88 -16.27 -14.06 6.35
N LEU A 89 -16.21 -13.11 7.33
CA LEU A 89 -15.29 -13.20 8.47
C LEU A 89 -15.57 -14.42 9.37
N MET A 90 -16.86 -14.73 9.55
CA MET A 90 -17.34 -15.88 10.32
C MET A 90 -16.89 -17.21 9.65
N GLY A 91 -16.83 -17.22 8.32
CA GLY A 91 -16.36 -18.35 7.52
C GLY A 91 -14.87 -18.65 7.70
N LEU A 92 -14.08 -17.67 8.22
CA LEU A 92 -12.67 -17.83 8.56
C LEU A 92 -12.52 -18.30 10.02
N ASP A 93 -13.65 -18.62 10.70
CA ASP A 93 -13.73 -19.02 12.11
C ASP A 93 -13.46 -17.86 13.05
N LEU A 94 -13.88 -16.65 12.66
CA LEU A 94 -13.76 -15.51 13.56
C LEU A 94 -15.11 -15.23 14.17
N LEU A 95 -15.11 -14.85 15.46
CA LEU A 95 -16.32 -14.46 16.12
C LEU A 95 -16.43 -12.96 15.88
N VAL A 96 -17.42 -12.59 15.04
CA VAL A 96 -17.71 -11.19 14.68
C VAL A 96 -18.76 -10.65 15.63
N PHE A 97 -18.51 -9.43 16.14
CA PHE A 97 -19.46 -8.77 17.04
C PHE A 97 -19.49 -7.28 16.77
N ALA A 98 -20.62 -6.64 17.07
CA ALA A 98 -20.83 -5.23 16.81
C ALA A 98 -21.96 -4.73 17.69
N HIS A 99 -22.11 -3.40 17.71
CA HIS A 99 -23.24 -2.74 18.34
C HIS A 99 -23.51 -1.48 17.55
N ASP A 100 -24.74 -0.97 17.55
CA ASP A 100 -25.05 0.29 16.90
C ASP A 100 -24.56 1.37 17.88
N HIS A 101 -23.73 2.32 17.40
CA HIS A 101 -23.22 3.42 18.24
C HIS A 101 -24.41 4.18 18.83
N VAL A 102 -24.22 4.87 19.97
CA VAL A 102 -25.33 5.65 20.54
C VAL A 102 -25.88 6.64 19.49
N GLY A 103 -27.19 6.85 19.49
CA GLY A 103 -27.84 7.74 18.52
C GLY A 103 -27.92 7.17 17.12
N HIS A 104 -27.65 5.85 16.96
CA HIS A 104 -27.66 5.17 15.66
C HIS A 104 -28.45 3.89 15.70
N GLY A 105 -28.95 3.51 14.52
CA GLY A 105 -29.70 2.28 14.28
C GLY A 105 -30.73 1.95 15.33
N GLN A 106 -30.58 0.78 15.97
CA GLN A 106 -31.51 0.31 16.99
C GLN A 106 -31.08 0.63 18.42
N SER A 107 -30.00 1.41 18.58
CA SER A 107 -29.55 1.82 19.92
C SER A 107 -30.34 3.04 20.37
N GLU A 108 -30.30 3.31 21.67
CA GLU A 108 -30.94 4.46 22.26
C GLU A 108 -30.17 5.76 21.92
N GLY A 109 -30.77 6.90 22.26
CA GLY A 109 -30.21 8.24 22.12
C GLY A 109 -30.82 9.04 21.00
N GLU A 110 -30.78 10.37 21.13
CA GLU A 110 -31.22 11.32 20.11
C GLU A 110 -30.38 11.01 18.85
N ARG A 111 -31.02 10.96 17.67
CA ARG A 111 -30.37 10.60 16.41
C ARG A 111 -29.18 11.46 16.06
N MET A 112 -28.02 10.81 15.84
CA MET A 112 -26.75 11.45 15.44
C MET A 112 -26.37 12.65 16.31
N VAL A 113 -26.35 12.43 17.61
CA VAL A 113 -26.01 13.36 18.68
C VAL A 113 -25.11 12.56 19.63
N VAL A 114 -24.13 13.22 20.26
CA VAL A 114 -23.23 12.59 21.23
C VAL A 114 -22.67 13.68 22.15
N SER A 115 -22.73 13.46 23.49
CA SER A 115 -22.22 14.43 24.48
C SER A 115 -20.75 14.78 24.22
N ASP A 116 -19.95 13.75 23.87
CA ASP A 116 -18.56 13.87 23.48
C ASP A 116 -18.24 12.65 22.66
N PHE A 117 -17.43 12.82 21.61
CA PHE A 117 -17.03 11.74 20.72
C PHE A 117 -16.46 10.51 21.45
N HIS A 118 -15.74 10.74 22.60
CA HIS A 118 -15.16 9.65 23.38
C HIS A 118 -16.16 8.59 23.82
N VAL A 119 -17.44 8.96 23.98
CA VAL A 119 -18.52 8.03 24.34
C VAL A 119 -18.48 6.79 23.41
N PHE A 120 -18.29 7.01 22.11
CA PHE A 120 -18.23 5.93 21.11
C PHE A 120 -17.08 4.95 21.38
N VAL A 121 -15.90 5.48 21.73
CA VAL A 121 -14.66 4.76 22.04
C VAL A 121 -14.84 3.95 23.35
N ARG A 122 -15.34 4.62 24.40
CA ARG A 122 -15.65 4.05 25.71
C ARG A 122 -16.58 2.82 25.57
N ASP A 123 -17.65 2.96 24.76
CA ASP A 123 -18.64 1.91 24.52
C ASP A 123 -18.05 0.72 23.72
N VAL A 124 -17.14 0.99 22.75
CA VAL A 124 -16.45 -0.07 22.00
C VAL A 124 -15.59 -0.88 23.00
N LEU A 125 -14.82 -0.18 23.87
CA LEU A 125 -13.98 -0.83 24.88
C LEU A 125 -14.77 -1.68 25.87
N GLN A 126 -15.97 -1.22 26.28
CA GLN A 126 -16.84 -1.96 27.17
C GLN A 126 -17.23 -3.31 26.50
N HIS A 127 -17.64 -3.24 25.23
CA HIS A 127 -18.04 -4.40 24.43
C HIS A 127 -16.88 -5.36 24.23
N VAL A 128 -15.68 -4.83 23.88
CA VAL A 128 -14.45 -5.62 23.70
C VAL A 128 -14.09 -6.33 25.02
N ASP A 129 -14.03 -5.59 26.13
CA ASP A 129 -13.70 -6.15 27.45
C ASP A 129 -14.66 -7.25 27.87
N SER A 130 -15.97 -7.14 27.56
CA SER A 130 -16.96 -8.18 27.88
C SER A 130 -16.69 -9.43 27.07
N MET A 131 -16.45 -9.28 25.75
CA MET A 131 -16.16 -10.42 24.86
C MET A 131 -14.88 -11.15 25.24
N GLN A 132 -13.83 -10.41 25.59
CA GLN A 132 -12.54 -10.98 25.98
C GLN A 132 -12.57 -11.79 27.26
N LYS A 133 -13.50 -11.44 28.17
CA LYS A 133 -13.74 -12.15 29.43
C LYS A 133 -14.23 -13.58 29.11
N ASP A 134 -15.15 -13.70 28.12
CA ASP A 134 -15.73 -14.98 27.69
C ASP A 134 -14.81 -15.77 26.79
N TYR A 135 -13.91 -15.10 26.07
CA TYR A 135 -12.97 -15.74 25.16
C TYR A 135 -11.54 -15.29 25.52
N PRO A 136 -11.03 -15.63 26.72
CA PRO A 136 -9.67 -15.19 27.11
C PRO A 136 -8.56 -15.80 26.25
N GLY A 137 -7.53 -15.00 26.01
CA GLY A 137 -6.37 -15.39 25.21
C GLY A 137 -6.54 -15.30 23.71
N LEU A 138 -7.77 -15.04 23.22
CA LEU A 138 -8.02 -14.93 21.78
C LEU A 138 -7.59 -13.56 21.27
N PRO A 139 -6.95 -13.50 20.08
CA PRO A 139 -6.61 -12.17 19.52
C PRO A 139 -7.87 -11.42 19.12
N VAL A 140 -7.85 -10.08 19.26
CA VAL A 140 -8.98 -9.24 18.93
C VAL A 140 -8.61 -8.21 17.88
N PHE A 141 -9.40 -8.16 16.81
CA PHE A 141 -9.25 -7.21 15.70
C PHE A 141 -10.37 -6.15 15.74
N LEU A 142 -10.15 -5.05 15.04
CA LEU A 142 -11.14 -3.98 14.87
C LEU A 142 -11.33 -3.78 13.38
N LEU A 143 -12.56 -3.51 12.95
CA LEU A 143 -12.85 -3.18 11.56
C LEU A 143 -13.72 -1.93 11.62
N GLY A 144 -13.27 -0.86 10.99
CA GLY A 144 -14.02 0.39 11.00
C GLY A 144 -14.16 1.04 9.65
N HIS A 145 -15.32 1.64 9.40
CA HIS A 145 -15.57 2.39 8.16
C HIS A 145 -15.92 3.83 8.52
N SER A 146 -15.27 4.81 7.83
CA SER A 146 -15.55 6.25 7.96
C SER A 146 -15.37 6.70 9.45
N MET A 147 -16.43 7.25 10.10
CA MET A 147 -16.43 7.62 11.53
C MET A 147 -16.05 6.38 12.40
N GLY A 148 -16.48 5.17 11.98
CA GLY A 148 -16.16 3.91 12.64
C GLY A 148 -14.68 3.60 12.65
N GLY A 149 -13.99 4.06 11.60
CA GLY A 149 -12.56 3.94 11.42
C GLY A 149 -11.83 4.85 12.39
N ALA A 150 -12.33 6.13 12.55
CA ALA A 150 -11.80 7.11 13.53
C ALA A 150 -11.95 6.52 14.95
N ILE A 151 -13.11 5.90 15.25
CA ILE A 151 -13.40 5.21 16.51
C ILE A 151 -12.40 4.04 16.71
N ALA A 152 -12.15 3.23 15.66
CA ALA A 152 -11.19 2.10 15.74
C ALA A 152 -9.77 2.60 16.06
N ILE A 153 -9.32 3.66 15.37
CA ILE A 153 -8.00 4.26 15.58
C ILE A 153 -7.87 4.70 17.04
N LEU A 154 -8.85 5.48 17.53
CA LEU A 154 -8.87 6.00 18.90
C LEU A 154 -8.99 4.88 19.95
N THR A 155 -9.66 3.77 19.61
CA THR A 155 -9.79 2.60 20.49
C THR A 155 -8.39 1.93 20.64
N ALA A 156 -7.69 1.70 19.52
CA ALA A 156 -6.35 1.10 19.52
C ALA A 156 -5.30 2.00 20.18
N ALA A 157 -5.38 3.32 19.96
CA ALA A 157 -4.46 4.31 20.54
C ALA A 157 -4.54 4.36 22.09
N GLU A 158 -5.72 4.13 22.63
CA GLU A 158 -5.98 4.10 24.05
C GLU A 158 -5.40 2.84 24.73
N ARG A 159 -5.30 1.71 24.00
CA ARG A 159 -4.75 0.44 24.53
C ARG A 159 -3.59 -0.05 23.63
N PRO A 160 -2.39 0.59 23.70
CA PRO A 160 -1.27 0.13 22.86
C PRO A 160 -0.87 -1.32 23.13
N GLY A 161 -0.65 -2.06 22.05
CA GLY A 161 -0.26 -3.47 22.05
C GLY A 161 -1.36 -4.47 22.37
N HIS A 162 -2.60 -3.99 22.55
CA HIS A 162 -3.76 -4.82 22.92
C HIS A 162 -4.43 -5.49 21.72
N PHE A 163 -4.56 -4.78 20.58
CA PHE A 163 -5.25 -5.30 19.40
C PHE A 163 -4.31 -5.96 18.42
N ALA A 164 -4.73 -7.10 17.83
CA ALA A 164 -3.89 -7.84 16.86
C ALA A 164 -3.81 -7.12 15.52
N GLY A 165 -4.84 -6.34 15.21
CA GLY A 165 -4.90 -5.66 13.92
C GLY A 165 -6.15 -4.83 13.74
N MET A 166 -6.13 -4.00 12.70
CA MET A 166 -7.21 -3.10 12.40
C MET A 166 -7.47 -3.04 10.88
N VAL A 167 -8.74 -3.15 10.47
CA VAL A 167 -9.12 -3.00 9.06
C VAL A 167 -9.85 -1.65 8.95
N LEU A 168 -9.30 -0.76 8.14
CA LEU A 168 -9.91 0.56 7.96
C LEU A 168 -10.41 0.72 6.55
N ILE A 169 -11.72 0.97 6.40
CA ILE A 169 -12.35 1.22 5.08
C ILE A 169 -12.67 2.70 5.04
N SER A 170 -11.95 3.47 4.19
CA SER A 170 -12.09 4.94 4.05
C SER A 170 -12.34 5.62 5.41
N PRO A 171 -11.38 5.53 6.36
CA PRO A 171 -11.62 6.11 7.69
C PRO A 171 -11.66 7.64 7.71
N LEU A 172 -12.39 8.19 8.70
CA LEU A 172 -12.48 9.62 8.92
C LEU A 172 -11.22 10.04 9.67
N VAL A 173 -10.32 10.79 8.99
CA VAL A 173 -9.03 11.18 9.59
C VAL A 173 -8.70 12.67 9.36
N LEU A 174 -9.39 13.30 8.40
CA LEU A 174 -9.13 14.66 7.94
C LEU A 174 -10.36 15.52 7.94
N ALA A 175 -10.17 16.77 8.32
CA ALA A 175 -11.25 17.74 8.27
C ALA A 175 -11.15 18.45 6.92
N ASN A 176 -12.33 18.78 6.38
CA ASN A 176 -12.54 19.53 5.14
C ASN A 176 -11.76 20.89 5.16
N PRO A 177 -11.44 21.49 3.98
CA PRO A 177 -10.63 22.73 3.98
C PRO A 177 -11.14 23.91 4.83
N GLU A 178 -12.35 24.42 4.53
CA GLU A 178 -12.97 25.55 5.21
C GLU A 178 -13.38 25.22 6.64
N SER A 179 -14.05 24.07 6.81
CA SER A 179 -14.65 23.52 8.02
C SER A 179 -13.88 23.67 9.33
N ALA A 180 -12.52 23.58 9.31
CA ALA A 180 -11.72 23.58 10.53
C ALA A 180 -10.94 24.86 10.85
N THR A 181 -11.23 25.98 10.17
CA THR A 181 -10.55 27.26 10.50
C THR A 181 -11.04 27.75 11.88
N THR A 182 -10.24 28.62 12.54
CA THR A 182 -10.59 29.17 13.87
C THR A 182 -11.93 29.97 13.79
N PHE A 183 -12.14 30.67 12.65
CA PHE A 183 -13.35 31.43 12.35
C PHE A 183 -14.57 30.45 12.28
N LYS A 184 -14.41 29.36 11.50
CA LYS A 184 -15.47 28.37 11.31
C LYS A 184 -15.79 27.59 12.56
N VAL A 185 -14.77 27.28 13.38
CA VAL A 185 -14.96 26.58 14.64
C VAL A 185 -15.73 27.54 15.59
N LEU A 186 -15.32 28.83 15.63
CA LEU A 186 -15.99 29.82 16.46
C LEU A 186 -17.46 30.01 16.04
N ALA A 187 -17.71 30.16 14.73
CA ALA A 187 -19.06 30.34 14.16
C ALA A 187 -19.98 29.14 14.51
N ALA A 188 -19.47 27.90 14.33
CA ALA A 188 -20.22 26.66 14.65
C ALA A 188 -20.51 26.56 16.15
N LYS A 189 -19.51 26.95 17.00
CA LYS A 189 -19.68 26.96 18.45
C LYS A 189 -20.71 28.00 18.87
N VAL A 190 -20.73 29.16 18.19
CA VAL A 190 -21.70 30.23 18.45
C VAL A 190 -23.11 29.72 18.10
N LEU A 191 -23.22 29.10 16.91
CA LEU A 191 -24.44 28.51 16.38
C LEU A 191 -25.00 27.42 17.32
N ASN A 192 -24.11 26.54 17.81
CA ASN A 192 -24.44 25.44 18.72
C ASN A 192 -25.15 25.89 20.03
N LEU A 193 -24.79 27.07 20.55
CA LEU A 193 -25.38 27.68 21.75
C LEU A 193 -26.85 28.04 21.59
N VAL A 194 -27.25 28.44 20.38
CA VAL A 194 -28.63 28.87 20.17
C VAL A 194 -29.43 27.81 19.40
N LEU A 195 -28.84 27.17 18.39
CA LEU A 195 -29.52 26.17 17.57
C LEU A 195 -28.66 24.88 17.44
N PRO A 196 -28.51 24.08 18.55
CA PRO A 196 -27.65 22.87 18.46
C PRO A 196 -28.12 21.81 17.44
N ASN A 197 -29.45 21.73 17.22
CA ASN A 197 -30.04 20.75 16.30
C ASN A 197 -30.20 21.27 14.87
N LEU A 198 -29.59 22.42 14.55
CA LEU A 198 -29.63 22.99 13.21
C LEU A 198 -28.84 22.10 12.26
N SER A 199 -29.52 21.66 11.18
CA SER A 199 -28.94 20.79 10.16
C SER A 199 -28.12 21.57 9.14
N LEU A 200 -26.89 21.08 8.88
CA LEU A 200 -25.92 21.60 7.92
C LEU A 200 -26.42 21.40 6.50
N GLY A 201 -27.41 20.54 6.34
CA GLY A 201 -27.99 20.19 5.04
C GLY A 201 -27.56 18.79 4.65
N PRO A 202 -28.45 17.97 4.03
CA PRO A 202 -28.04 16.60 3.68
C PRO A 202 -27.11 16.54 2.46
N ILE A 203 -26.33 15.47 2.40
CA ILE A 203 -25.42 15.27 1.27
C ILE A 203 -26.13 14.54 0.13
N ASP A 204 -25.56 14.62 -1.08
CA ASP A 204 -26.06 13.92 -2.24
C ASP A 204 -25.62 12.46 -2.03
N SER A 205 -26.58 11.56 -1.83
CA SER A 205 -26.27 10.15 -1.56
C SER A 205 -25.50 9.47 -2.74
N SER A 206 -25.51 10.10 -3.93
CA SER A 206 -24.82 9.60 -5.12
C SER A 206 -23.27 9.61 -4.98
N VAL A 207 -22.71 10.35 -3.99
CA VAL A 207 -21.28 10.39 -3.70
C VAL A 207 -20.82 9.16 -2.90
N LEU A 208 -21.77 8.39 -2.34
CA LEU A 208 -21.42 7.23 -1.53
C LEU A 208 -20.85 6.05 -2.31
N SER A 209 -21.45 5.75 -3.46
CA SER A 209 -21.00 4.59 -4.23
C SER A 209 -21.39 4.78 -5.69
N ARG A 210 -20.59 4.21 -6.62
CA ARG A 210 -20.92 4.23 -8.05
C ARG A 210 -21.99 3.17 -8.33
N ASN A 211 -22.20 2.25 -7.37
CA ASN A 211 -23.21 1.20 -7.48
C ASN A 211 -24.57 1.83 -7.12
N LYS A 212 -25.39 2.09 -8.15
CA LYS A 212 -26.70 2.75 -8.03
C LYS A 212 -27.68 1.98 -7.15
N THR A 213 -27.61 0.63 -7.19
CA THR A 213 -28.46 -0.25 -6.38
C THR A 213 -28.16 -0.01 -4.90
N GLU A 214 -26.86 0.08 -4.56
CA GLU A 214 -26.41 0.32 -3.19
C GLU A 214 -26.80 1.72 -2.69
N VAL A 215 -26.82 2.73 -3.58
CA VAL A 215 -27.30 4.08 -3.23
C VAL A 215 -28.80 3.99 -2.92
N ASP A 216 -29.55 3.21 -3.73
CA ASP A 216 -30.98 3.02 -3.52
C ASP A 216 -31.29 2.25 -2.21
N ILE A 217 -30.48 1.24 -1.85
CA ILE A 217 -30.61 0.46 -0.61
C ILE A 217 -30.39 1.38 0.58
N TYR A 218 -29.33 2.23 0.48
CA TYR A 218 -28.98 3.23 1.50
C TYR A 218 -30.14 4.20 1.71
N ASN A 219 -30.73 4.71 0.61
CA ASN A 219 -31.82 5.67 0.66
C ASN A 219 -33.13 5.14 1.18
N SER A 220 -33.32 3.82 1.24
CA SER A 220 -34.59 3.26 1.70
C SER A 220 -34.47 2.45 2.99
N ASP A 221 -33.32 2.51 3.67
CA ASP A 221 -33.13 1.78 4.91
C ASP A 221 -33.66 2.68 6.03
N PRO A 222 -34.74 2.22 6.75
CA PRO A 222 -35.28 3.06 7.83
C PRO A 222 -34.37 3.21 9.04
N LEU A 223 -33.32 2.38 9.17
CA LEU A 223 -32.37 2.49 10.29
C LEU A 223 -31.23 3.47 10.02
N ILE A 224 -31.18 4.03 8.81
CA ILE A 224 -30.16 5.00 8.43
C ILE A 224 -30.69 6.41 8.65
N CYS A 225 -29.91 7.28 9.29
CA CYS A 225 -30.31 8.66 9.42
C CYS A 225 -29.64 9.41 8.24
N ARG A 226 -30.48 9.92 7.33
CA ARG A 226 -30.08 10.63 6.10
C ARG A 226 -30.30 12.13 6.27
N ALA A 227 -30.87 12.54 7.42
CA ALA A 227 -31.06 13.95 7.78
C ALA A 227 -29.68 14.63 7.77
N GLY A 228 -29.64 15.91 7.46
CA GLY A 228 -28.38 16.63 7.45
C GLY A 228 -27.70 16.60 8.80
N LEU A 229 -26.38 16.68 8.79
CA LEU A 229 -25.52 16.67 9.95
C LEU A 229 -25.86 17.83 10.91
N LYS A 230 -26.07 17.54 12.19
CA LYS A 230 -26.36 18.60 13.15
C LYS A 230 -25.06 19.29 13.55
N VAL A 231 -25.13 20.61 13.76
CA VAL A 231 -24.05 21.49 14.17
C VAL A 231 -23.28 20.89 15.37
N CYS A 232 -24.00 20.45 16.43
CA CYS A 232 -23.40 19.82 17.62
C CYS A 232 -22.59 18.56 17.23
N PHE A 233 -23.10 17.73 16.29
CA PHE A 233 -22.42 16.51 15.85
C PHE A 233 -21.21 16.80 14.96
N GLY A 234 -21.32 17.84 14.13
CA GLY A 234 -20.23 18.33 13.28
C GLY A 234 -19.04 18.74 14.11
N ILE A 235 -19.29 19.41 15.26
CA ILE A 235 -18.26 19.80 16.23
C ILE A 235 -17.58 18.52 16.81
N GLN A 236 -18.39 17.48 17.11
CA GLN A 236 -17.87 16.21 17.63
C GLN A 236 -17.01 15.46 16.60
N LEU A 237 -17.34 15.57 15.30
CA LEU A 237 -16.54 14.98 14.22
C LEU A 237 -15.22 15.76 14.05
N LEU A 238 -15.26 17.08 14.35
CA LEU A 238 -14.06 17.93 14.37
C LEU A 238 -13.15 17.47 15.53
N ASN A 239 -13.74 17.17 16.71
CA ASN A 239 -12.99 16.64 17.86
C ASN A 239 -12.33 15.31 17.50
N ALA A 240 -13.10 14.42 16.82
CA ALA A 240 -12.62 13.10 16.37
C ALA A 240 -11.34 13.22 15.52
N VAL A 241 -11.38 14.05 14.46
CA VAL A 241 -10.27 14.27 13.54
C VAL A 241 -9.04 14.84 14.28
N SER A 242 -9.26 15.78 15.18
CA SER A 242 -8.19 16.40 15.96
C SER A 242 -7.54 15.36 16.87
N ARG A 243 -8.38 14.50 17.50
CA ARG A 243 -7.90 13.44 18.39
C ARG A 243 -7.14 12.33 17.61
N VAL A 244 -7.58 12.03 16.38
CA VAL A 244 -6.95 11.04 15.51
C VAL A 244 -5.51 11.48 15.19
N GLU A 245 -5.36 12.74 14.76
CA GLU A 245 -4.11 13.37 14.40
C GLU A 245 -3.07 13.27 15.54
N ARG A 246 -3.50 13.55 16.78
CA ARG A 246 -2.64 13.46 17.95
C ARG A 246 -2.33 12.00 18.31
N ALA A 247 -3.24 11.07 18.00
CA ALA A 247 -3.05 9.66 18.30
C ALA A 247 -2.08 8.93 17.35
N LEU A 248 -1.97 9.36 16.08
CA LEU A 248 -1.11 8.71 15.06
C LEU A 248 0.34 8.44 15.53
N PRO A 249 1.11 9.39 16.13
CA PRO A 249 2.48 9.04 16.58
C PRO A 249 2.58 7.94 17.63
N LYS A 250 1.45 7.53 18.23
CA LYS A 250 1.44 6.47 19.24
C LYS A 250 0.68 5.21 18.72
N LEU A 251 0.20 5.27 17.47
CA LEU A 251 -0.52 4.15 16.87
C LEU A 251 0.50 3.14 16.34
N THR A 252 0.50 1.93 16.91
CA THR A 252 1.47 0.86 16.58
C THR A 252 0.79 -0.41 16.08
N VAL A 253 -0.53 -0.46 16.18
CA VAL A 253 -1.34 -1.62 15.81
C VAL A 253 -1.17 -1.97 14.30
N PRO A 254 -1.02 -3.25 13.92
CA PRO A 254 -0.98 -3.58 12.49
C PRO A 254 -2.28 -3.14 11.78
N PHE A 255 -2.20 -2.65 10.53
CA PHE A 255 -3.46 -2.25 9.89
C PHE A 255 -3.47 -2.39 8.38
N LEU A 256 -4.67 -2.65 7.84
CA LEU A 256 -4.97 -2.67 6.42
C LEU A 256 -5.88 -1.44 6.19
N LEU A 257 -5.48 -0.60 5.24
CA LEU A 257 -6.17 0.63 4.89
C LEU A 257 -6.67 0.53 3.43
N LEU A 258 -7.99 0.64 3.24
CA LEU A 258 -8.64 0.54 1.93
C LEU A 258 -9.27 1.88 1.64
N GLN A 259 -8.94 2.50 0.49
CA GLN A 259 -9.37 3.85 0.14
C GLN A 259 -9.68 4.03 -1.35
N GLY A 260 -10.80 4.68 -1.64
CA GLY A 260 -11.21 5.01 -3.00
C GLY A 260 -10.58 6.35 -3.37
N SER A 261 -10.07 6.46 -4.61
CA SER A 261 -9.40 7.67 -5.07
C SER A 261 -10.37 8.83 -5.34
N ALA A 262 -11.66 8.52 -5.58
CA ALA A 262 -12.67 9.54 -5.91
C ALA A 262 -13.66 9.74 -4.76
N ASP A 263 -13.17 9.58 -3.51
CA ASP A 263 -13.98 9.71 -2.30
C ASP A 263 -14.13 11.19 -1.95
N ARG A 264 -15.38 11.69 -1.93
CA ARG A 264 -15.69 13.07 -1.64
C ARG A 264 -15.98 13.35 -0.17
N LEU A 265 -16.13 12.29 0.64
CA LEU A 265 -16.40 12.42 2.08
C LEU A 265 -15.11 12.32 2.87
N CYS A 266 -14.30 11.30 2.60
CA CYS A 266 -13.00 11.13 3.25
C CYS A 266 -11.97 11.16 2.12
N ASP A 267 -11.38 12.33 1.91
CA ASP A 267 -10.39 12.58 0.87
C ASP A 267 -9.21 11.61 0.96
N SER A 268 -8.79 11.03 -0.18
CA SER A 268 -7.70 10.06 -0.25
C SER A 268 -6.39 10.56 0.36
N LYS A 269 -6.15 11.90 0.38
CA LYS A 269 -4.92 12.40 0.98
C LYS A 269 -4.79 12.04 2.49
N GLY A 270 -5.94 11.93 3.19
CA GLY A 270 -5.99 11.48 4.58
C GLY A 270 -5.48 10.06 4.77
N ALA A 271 -5.72 9.15 3.77
CA ALA A 271 -5.19 7.78 3.78
C ALA A 271 -3.65 7.79 3.63
N TYR A 272 -3.10 8.68 2.76
CA TYR A 272 -1.65 8.80 2.58
C TYR A 272 -0.99 9.30 3.86
N LEU A 273 -1.62 10.29 4.53
CA LEU A 273 -1.13 10.87 5.79
C LEU A 273 -1.13 9.85 6.94
N LEU A 274 -2.14 8.98 7.00
CA LEU A 274 -2.24 7.88 7.98
C LEU A 274 -1.08 6.89 7.78
N MET A 275 -0.76 6.52 6.51
CA MET A 275 0.36 5.64 6.17
C MET A 275 1.67 6.24 6.60
N GLU A 276 1.80 7.56 6.44
CA GLU A 276 3.03 8.27 6.76
C GLU A 276 3.22 8.51 8.27
N LEU A 277 2.17 8.92 8.98
CA LEU A 277 2.29 9.35 10.36
C LEU A 277 2.09 8.26 11.41
N ALA A 278 1.35 7.18 11.10
CA ALA A 278 1.18 6.05 12.03
C ALA A 278 2.54 5.37 12.26
N LYS A 279 2.82 4.97 13.51
CA LYS A 279 4.12 4.36 13.81
C LYS A 279 4.13 2.83 13.59
N SER A 280 2.99 2.22 13.25
CA SER A 280 2.81 0.79 13.00
C SER A 280 3.88 0.20 12.09
N GLN A 281 4.46 -0.94 12.49
CA GLN A 281 5.47 -1.68 11.74
C GLN A 281 4.86 -2.50 10.59
N ASP A 282 3.55 -2.77 10.70
CA ASP A 282 2.80 -3.58 9.75
C ASP A 282 1.62 -2.75 9.20
N LYS A 283 1.87 -2.03 8.09
CA LYS A 283 0.81 -1.19 7.50
C LYS A 283 0.75 -1.35 5.98
N THR A 284 -0.48 -1.58 5.46
CA THR A 284 -0.74 -1.79 4.04
C THR A 284 -1.84 -0.85 3.56
N LEU A 285 -1.61 -0.24 2.39
CA LEU A 285 -2.58 0.63 1.74
C LEU A 285 -2.98 0.06 0.39
N LYS A 286 -4.27 0.01 0.11
CA LYS A 286 -4.79 -0.36 -1.20
C LYS A 286 -5.69 0.79 -1.71
N ILE A 287 -5.33 1.37 -2.87
CA ILE A 287 -6.13 2.44 -3.49
C ILE A 287 -7.02 1.83 -4.60
N TYR A 288 -8.30 2.19 -4.59
CA TYR A 288 -9.29 1.78 -5.60
C TYR A 288 -9.55 2.98 -6.52
N GLU A 289 -9.00 2.90 -7.75
CA GLU A 289 -9.07 3.97 -8.74
C GLU A 289 -10.49 4.30 -9.20
N GLY A 290 -10.91 5.55 -8.99
CA GLY A 290 -12.23 6.03 -9.35
C GLY A 290 -13.35 5.63 -8.39
N ALA A 291 -13.05 4.79 -7.40
CA ALA A 291 -14.04 4.33 -6.42
C ALA A 291 -14.45 5.43 -5.44
N TYR A 292 -15.70 5.37 -4.98
CA TYR A 292 -16.26 6.36 -4.05
C TYR A 292 -15.99 5.98 -2.57
N HIS A 293 -16.90 6.35 -1.68
CA HIS A 293 -16.70 6.19 -0.24
C HIS A 293 -17.00 4.79 0.33
N VAL A 294 -18.13 4.19 -0.03
CA VAL A 294 -18.55 2.91 0.55
C VAL A 294 -18.02 1.75 -0.28
N LEU A 295 -16.72 1.44 -0.07
CA LEU A 295 -15.95 0.44 -0.83
C LEU A 295 -16.48 -0.99 -0.75
N HIS A 296 -17.04 -1.33 0.42
CA HIS A 296 -17.63 -2.64 0.69
C HIS A 296 -19.07 -2.71 0.09
N LYS A 297 -19.53 -1.65 -0.59
CA LYS A 297 -20.84 -1.55 -1.25
C LYS A 297 -20.67 -0.79 -2.58
N GLU A 298 -19.53 -0.99 -3.23
CA GLU A 298 -19.18 -0.34 -4.47
C GLU A 298 -19.53 -1.19 -5.70
N LEU A 299 -18.89 -0.92 -6.86
CA LEU A 299 -19.13 -1.73 -8.05
C LEU A 299 -18.61 -3.14 -7.74
N PRO A 300 -19.26 -4.23 -8.25
CA PRO A 300 -18.83 -5.60 -7.92
C PRO A 300 -17.32 -5.89 -7.97
N GLU A 301 -16.61 -5.34 -8.97
CA GLU A 301 -15.17 -5.53 -9.12
C GLU A 301 -14.40 -5.01 -7.89
N VAL A 302 -14.84 -3.87 -7.33
CA VAL A 302 -14.20 -3.25 -6.14
C VAL A 302 -14.58 -4.03 -4.87
N THR A 303 -15.90 -4.32 -4.69
CA THR A 303 -16.44 -5.01 -3.53
C THR A 303 -15.83 -6.41 -3.38
N ASN A 304 -15.70 -7.16 -4.50
CA ASN A 304 -15.09 -8.50 -4.51
C ASN A 304 -13.63 -8.46 -4.08
N SER A 305 -12.88 -7.45 -4.58
CA SER A 305 -11.49 -7.23 -4.19
C SER A 305 -11.39 -6.86 -2.70
N VAL A 306 -12.23 -5.92 -2.22
CA VAL A 306 -12.28 -5.47 -0.81
C VAL A 306 -12.47 -6.69 0.12
N PHE A 307 -13.46 -7.53 -0.19
CA PHE A 307 -13.77 -8.75 0.59
C PHE A 307 -12.57 -9.72 0.60
N HIS A 308 -11.96 -9.93 -0.58
CA HIS A 308 -10.82 -10.84 -0.73
C HIS A 308 -9.58 -10.37 0.06
N GLU A 309 -9.27 -9.07 -0.04
CA GLU A 309 -8.15 -8.43 0.65
C GLU A 309 -8.29 -8.52 2.17
N ILE A 310 -9.50 -8.27 2.72
CA ILE A 310 -9.79 -8.37 4.16
C ILE A 310 -9.64 -9.82 4.58
N ASN A 311 -10.22 -10.73 3.78
CA ASN A 311 -10.13 -12.18 3.99
C ASN A 311 -8.66 -12.60 4.14
N MET A 312 -7.80 -12.29 3.13
CA MET A 312 -6.37 -12.62 3.13
C MET A 312 -5.60 -12.00 4.29
N TRP A 313 -5.82 -10.71 4.55
CA TRP A 313 -5.11 -9.96 5.58
C TRP A 313 -5.40 -10.50 7.00
N VAL A 314 -6.68 -10.73 7.33
CA VAL A 314 -7.08 -11.25 8.63
C VAL A 314 -6.60 -12.70 8.78
N SER A 315 -6.79 -13.50 7.73
CA SER A 315 -6.40 -14.92 7.66
C SER A 315 -4.90 -15.12 7.94
N GLN A 316 -4.04 -14.25 7.39
CA GLN A 316 -2.59 -14.32 7.59
C GLN A 316 -2.19 -13.96 9.02
N ARG A 317 -2.98 -13.12 9.69
CA ARG A 317 -2.71 -12.65 11.05
C ARG A 317 -3.45 -13.45 12.13
N THR A 318 -4.30 -14.39 11.69
CA THR A 318 -5.09 -15.28 12.53
C THR A 318 -4.36 -16.63 12.60
N ALA A 319 -3.67 -17.03 11.51
CA ALA A 319 -2.83 -18.22 11.44
C ALA A 319 -1.64 -18.03 12.41
N THR A 320 -1.19 -16.74 12.55
CA THR A 320 -0.11 -16.22 13.41
C THR A 320 -0.37 -16.51 14.91
N ALA A 321 -1.66 -16.47 15.33
CA ALA A 321 -2.11 -16.73 16.71
C ALA A 321 -1.64 -18.10 17.24
N SER B 30 40.15 -11.51 -31.22
CA SER B 30 39.96 -12.16 -29.92
C SER B 30 38.48 -12.22 -29.55
N PRO B 31 38.00 -13.26 -28.82
CA PRO B 31 36.59 -13.29 -28.42
C PRO B 31 36.21 -12.15 -27.48
N ARG B 32 34.94 -11.69 -27.53
CA ARG B 32 34.43 -10.60 -26.68
C ARG B 32 34.43 -11.04 -25.22
N ARG B 33 34.89 -10.17 -24.33
CA ARG B 33 35.03 -10.47 -22.90
C ARG B 33 34.31 -9.47 -22.03
N THR B 34 33.93 -9.90 -20.82
CA THR B 34 33.27 -9.05 -19.84
C THR B 34 34.31 -8.00 -19.32
N PRO B 35 33.89 -6.88 -18.68
CA PRO B 35 34.89 -5.93 -18.12
C PRO B 35 35.87 -6.59 -17.15
N GLN B 36 35.57 -7.83 -16.69
CA GLN B 36 36.39 -8.64 -15.76
C GLN B 36 37.12 -9.78 -16.49
N SER B 37 37.22 -9.67 -17.84
CA SER B 37 37.95 -10.53 -18.77
C SER B 37 37.42 -11.96 -18.92
N ILE B 38 36.14 -12.20 -18.60
CA ILE B 38 35.59 -13.54 -18.84
C ILE B 38 35.00 -13.56 -20.26
N PRO B 39 35.41 -14.50 -21.14
CA PRO B 39 34.77 -14.54 -22.48
C PRO B 39 33.26 -14.75 -22.36
N TYR B 40 32.48 -13.93 -23.11
CA TYR B 40 31.03 -14.05 -23.16
C TYR B 40 30.57 -15.44 -23.66
N GLN B 41 31.36 -16.13 -24.47
CA GLN B 41 31.00 -17.47 -24.95
C GLN B 41 30.90 -18.48 -23.80
N ASP B 42 31.53 -18.18 -22.66
CA ASP B 42 31.55 -19.01 -21.44
C ASP B 42 30.42 -18.67 -20.51
N LEU B 43 29.59 -17.71 -20.88
CA LEU B 43 28.51 -17.25 -20.01
C LEU B 43 27.20 -17.05 -20.73
N PRO B 44 26.05 -17.15 -20.04
CA PRO B 44 24.78 -16.77 -20.69
C PRO B 44 24.81 -15.26 -21.01
N HIS B 45 24.41 -14.90 -22.23
CA HIS B 45 24.45 -13.50 -22.66
C HIS B 45 23.42 -13.23 -23.75
N LEU B 46 23.32 -11.97 -24.13
CA LEU B 46 22.54 -11.52 -25.27
C LEU B 46 23.28 -10.32 -25.90
N VAL B 47 22.99 -10.01 -27.17
CA VAL B 47 23.59 -8.84 -27.83
C VAL B 47 22.45 -7.83 -28.06
N ASN B 48 22.60 -6.60 -27.52
CA ASN B 48 21.56 -5.58 -27.64
C ASN B 48 21.55 -4.91 -29.03
N ALA B 49 20.55 -4.04 -29.29
CA ALA B 49 20.40 -3.34 -30.59
C ALA B 49 21.64 -2.49 -30.97
N ASP B 50 22.46 -2.10 -29.96
CA ASP B 50 23.68 -1.33 -30.22
C ASP B 50 24.93 -2.21 -30.41
N GLY B 51 24.73 -3.53 -30.48
CA GLY B 51 25.85 -4.47 -30.63
C GLY B 51 26.67 -4.66 -29.37
N GLN B 52 26.08 -4.37 -28.19
CA GLN B 52 26.76 -4.55 -26.88
C GLN B 52 26.28 -5.83 -26.21
N TYR B 53 27.23 -6.58 -25.63
CA TYR B 53 26.90 -7.84 -24.94
C TYR B 53 26.38 -7.56 -23.55
N LEU B 54 25.28 -8.21 -23.19
CA LEU B 54 24.71 -8.12 -21.86
C LEU B 54 24.80 -9.48 -21.21
N PHE B 55 25.36 -9.53 -20.01
CA PHE B 55 25.46 -10.75 -19.22
C PHE B 55 24.03 -11.09 -18.73
N CYS B 56 23.61 -12.36 -18.89
CA CYS B 56 22.29 -12.88 -18.52
C CYS B 56 22.35 -13.86 -17.37
N ARG B 57 21.25 -13.94 -16.61
CA ARG B 57 21.09 -14.83 -15.47
C ARG B 57 19.71 -15.46 -15.51
N TYR B 58 19.63 -16.79 -15.30
CA TYR B 58 18.40 -17.59 -15.32
C TYR B 58 18.28 -18.46 -14.09
N TRP B 59 17.07 -18.57 -13.55
CA TRP B 59 16.73 -19.43 -12.43
C TRP B 59 15.49 -20.19 -12.90
N LYS B 60 15.72 -21.39 -13.46
CA LYS B 60 14.66 -22.21 -14.04
C LYS B 60 14.09 -23.22 -13.05
N PRO B 61 12.74 -23.28 -12.85
CA PRO B 61 12.16 -24.26 -11.92
C PRO B 61 12.29 -25.72 -12.39
N THR B 62 12.09 -26.67 -11.46
CA THR B 62 12.14 -28.12 -11.72
C THR B 62 11.20 -28.54 -12.84
N GLY B 63 9.91 -28.23 -12.69
CA GLY B 63 8.90 -28.58 -13.67
C GLY B 63 8.63 -27.51 -14.71
N THR B 64 7.41 -27.49 -15.25
CA THR B 64 6.99 -26.52 -16.26
C THR B 64 6.65 -25.19 -15.54
N PRO B 65 7.22 -24.06 -16.01
CA PRO B 65 6.93 -22.78 -15.34
C PRO B 65 5.48 -22.32 -15.49
N LYS B 66 4.98 -21.66 -14.44
CA LYS B 66 3.61 -21.11 -14.39
C LYS B 66 3.60 -19.69 -14.95
N ALA B 67 4.75 -18.99 -14.86
CA ALA B 67 4.90 -17.61 -15.31
C ALA B 67 6.37 -17.26 -15.48
N LEU B 68 6.62 -16.12 -16.11
CA LEU B 68 7.96 -15.56 -16.31
C LEU B 68 8.06 -14.32 -15.46
N ILE B 69 9.26 -14.02 -14.94
CA ILE B 69 9.47 -12.80 -14.17
C ILE B 69 10.85 -12.24 -14.49
N PHE B 70 10.89 -11.01 -15.03
CA PHE B 70 12.16 -10.33 -15.30
C PHE B 70 12.55 -9.49 -14.06
N VAL B 71 13.81 -9.63 -13.62
CA VAL B 71 14.35 -8.87 -12.48
C VAL B 71 15.23 -7.75 -13.01
N SER B 72 14.89 -6.50 -12.69
CA SER B 72 15.55 -5.26 -13.10
C SER B 72 16.28 -4.61 -11.92
N HIS B 73 17.62 -4.69 -11.90
CA HIS B 73 18.44 -4.16 -10.81
C HIS B 73 18.58 -2.63 -10.85
N GLY B 74 19.09 -2.06 -9.75
CA GLY B 74 19.28 -0.62 -9.62
C GLY B 74 20.58 -0.11 -10.17
N ALA B 75 20.79 1.22 -10.04
CA ALA B 75 22.01 1.89 -10.47
C ALA B 75 23.24 1.39 -9.66
N GLY B 76 24.35 1.18 -10.35
CA GLY B 76 25.60 0.72 -9.74
C GLY B 76 25.67 -0.74 -9.35
N GLU B 77 24.55 -1.43 -9.24
CA GLU B 77 24.58 -2.83 -8.84
C GLU B 77 24.50 -3.78 -10.05
N HIS B 78 24.01 -5.04 -9.85
CA HIS B 78 23.96 -6.06 -10.90
C HIS B 78 22.96 -7.16 -10.51
N SER B 79 22.66 -8.10 -11.44
CA SER B 79 21.70 -9.20 -11.28
C SER B 79 22.06 -10.24 -10.19
N GLY B 80 23.36 -10.41 -9.90
CA GLY B 80 23.82 -11.36 -8.89
C GLY B 80 23.33 -11.07 -7.49
N ARG B 81 22.92 -9.83 -7.23
CA ARG B 81 22.37 -9.39 -5.96
C ARG B 81 20.93 -9.86 -5.72
N TYR B 82 20.29 -10.52 -6.72
CA TYR B 82 18.91 -10.99 -6.62
C TYR B 82 18.79 -12.49 -6.46
N GLU B 83 19.90 -13.15 -6.15
CA GLU B 83 20.02 -14.59 -5.97
C GLU B 83 18.95 -15.19 -5.06
N GLU B 84 18.82 -14.67 -3.83
CA GLU B 84 17.86 -15.16 -2.82
C GLU B 84 16.41 -14.91 -3.20
N LEU B 85 16.10 -13.71 -3.69
CA LEU B 85 14.76 -13.33 -4.15
C LEU B 85 14.35 -14.23 -5.34
N ALA B 86 15.29 -14.47 -6.28
CA ALA B 86 15.07 -15.32 -7.45
C ALA B 86 14.86 -16.80 -7.09
N ARG B 87 15.55 -17.30 -6.03
CA ARG B 87 15.35 -18.68 -5.56
C ARG B 87 13.96 -18.85 -4.94
N MET B 88 13.48 -17.84 -4.21
CA MET B 88 12.13 -17.82 -3.63
C MET B 88 11.10 -17.84 -4.78
N LEU B 89 11.27 -16.99 -5.80
CA LEU B 89 10.35 -16.92 -6.95
C LEU B 89 10.33 -18.21 -7.77
N MET B 90 11.49 -18.86 -7.93
CA MET B 90 11.68 -20.12 -8.62
C MET B 90 10.92 -21.25 -7.87
N GLY B 91 10.86 -21.14 -6.54
CA GLY B 91 10.12 -22.08 -5.67
C GLY B 91 8.61 -22.03 -5.86
N LEU B 92 8.09 -20.93 -6.47
CA LEU B 92 6.67 -20.76 -6.81
C LEU B 92 6.42 -21.28 -8.24
N ASP B 93 7.44 -21.92 -8.88
CA ASP B 93 7.41 -22.41 -10.25
C ASP B 93 7.43 -21.28 -11.27
N LEU B 94 8.12 -20.19 -10.95
CA LEU B 94 8.29 -19.10 -11.91
C LEU B 94 9.67 -19.21 -12.52
N LEU B 95 9.75 -18.92 -13.82
CA LEU B 95 11.02 -18.87 -14.49
C LEU B 95 11.50 -17.42 -14.34
N VAL B 96 12.54 -17.25 -13.51
CA VAL B 96 13.16 -15.95 -13.22
C VAL B 96 14.31 -15.72 -14.21
N PHE B 97 14.37 -14.51 -14.77
CA PHE B 97 15.43 -14.14 -15.69
C PHE B 97 15.82 -12.69 -15.49
N ALA B 98 17.07 -12.37 -15.83
CA ALA B 98 17.61 -11.02 -15.64
C ALA B 98 18.82 -10.85 -16.56
N HIS B 99 19.29 -9.61 -16.66
CA HIS B 99 20.53 -9.28 -17.30
C HIS B 99 21.12 -8.08 -16.56
N ASP B 100 22.44 -7.88 -16.67
CA ASP B 100 23.04 -6.70 -16.10
C ASP B 100 22.79 -5.60 -17.12
N HIS B 101 22.21 -4.44 -16.68
CA HIS B 101 21.95 -3.30 -17.58
C HIS B 101 23.27 -2.87 -18.23
N VAL B 102 23.24 -2.22 -19.40
CA VAL B 102 24.47 -1.71 -20.05
C VAL B 102 25.25 -0.84 -19.02
N GLY B 103 26.58 -0.93 -19.04
CA GLY B 103 27.44 -0.19 -18.13
C GLY B 103 27.41 -0.68 -16.68
N HIS B 104 26.85 -1.89 -16.45
CA HIS B 104 26.72 -2.49 -15.11
C HIS B 104 27.20 -3.94 -15.09
N GLY B 105 27.63 -4.37 -13.91
CA GLY B 105 28.08 -5.72 -13.60
C GLY B 105 28.98 -6.33 -14.64
N GLN B 106 28.55 -7.46 -15.22
CA GLN B 106 29.33 -8.20 -16.22
C GLN B 106 28.96 -7.83 -17.67
N SER B 107 28.10 -6.82 -17.86
CA SER B 107 27.72 -6.38 -19.21
C SER B 107 28.75 -5.38 -19.75
N GLU B 108 28.74 -5.13 -21.08
CA GLU B 108 29.64 -4.16 -21.71
C GLU B 108 29.18 -2.72 -21.50
N GLY B 109 30.04 -1.80 -21.87
CA GLY B 109 29.79 -0.37 -21.81
C GLY B 109 30.56 0.33 -20.72
N GLU B 110 30.84 1.64 -20.93
CA GLU B 110 31.48 2.51 -19.96
C GLU B 110 30.62 2.46 -18.69
N ARG B 111 31.24 2.33 -17.51
CA ARG B 111 30.56 2.18 -16.22
C ARG B 111 29.60 3.30 -15.91
N MET B 112 28.34 2.93 -15.63
CA MET B 112 27.25 3.84 -15.26
C MET B 112 27.13 5.05 -16.19
N VAL B 113 27.04 4.78 -17.49
CA VAL B 113 26.89 5.71 -18.59
C VAL B 113 25.82 5.08 -19.50
N VAL B 114 24.99 5.92 -20.14
CA VAL B 114 23.95 5.46 -21.07
C VAL B 114 23.64 6.60 -22.03
N SER B 115 23.63 6.32 -23.35
CA SER B 115 23.37 7.32 -24.41
C SER B 115 22.01 8.00 -24.17
N ASP B 116 21.02 7.23 -23.79
CA ASP B 116 19.67 7.66 -23.42
C ASP B 116 19.10 6.59 -22.52
N PHE B 117 18.35 6.99 -21.49
CA PHE B 117 17.72 6.07 -20.54
C PHE B 117 16.87 4.98 -21.21
N HIS B 118 16.23 5.29 -22.37
CA HIS B 118 15.40 4.34 -23.10
C HIS B 118 16.14 3.06 -23.49
N VAL B 119 17.48 3.12 -23.66
CA VAL B 119 18.31 1.94 -23.95
C VAL B 119 18.00 0.80 -22.96
N PHE B 120 17.88 1.13 -21.66
CA PHE B 120 17.60 0.15 -20.60
C PHE B 120 16.25 -0.55 -20.81
N VAL B 121 15.21 0.22 -21.19
CA VAL B 121 13.84 -0.23 -21.45
C VAL B 121 13.82 -1.13 -22.71
N ARG B 122 14.44 -0.64 -23.80
CA ARG B 122 14.60 -1.35 -25.08
C ARG B 122 15.23 -2.74 -24.86
N ASP B 123 16.32 -2.80 -24.07
CA ASP B 123 17.05 -4.04 -23.75
C ASP B 123 16.22 -5.02 -22.89
N VAL B 124 15.41 -4.49 -21.94
CA VAL B 124 14.50 -5.32 -21.14
C VAL B 124 13.47 -5.96 -22.09
N LEU B 125 12.87 -5.15 -23.01
CA LEU B 125 11.88 -5.66 -23.98
C LEU B 125 12.45 -6.72 -24.92
N GLN B 126 13.73 -6.56 -25.35
CA GLN B 126 14.40 -7.54 -26.20
C GLN B 126 14.48 -8.89 -25.46
N HIS B 127 14.91 -8.84 -24.17
CA HIS B 127 15.04 -10.01 -23.33
C HIS B 127 13.68 -10.67 -23.07
N VAL B 128 12.65 -9.86 -22.75
CA VAL B 128 11.27 -10.33 -22.53
C VAL B 128 10.75 -11.02 -23.81
N ASP B 129 10.86 -10.35 -24.98
CA ASP B 129 10.41 -10.90 -26.26
C ASP B 129 11.10 -12.22 -26.61
N SER B 130 12.40 -12.38 -26.30
CA SER B 130 13.13 -13.64 -26.55
C SER B 130 12.58 -14.74 -25.66
N MET B 131 12.40 -14.48 -24.36
CA MET B 131 11.85 -15.46 -23.41
C MET B 131 10.45 -15.89 -23.76
N GLN B 132 9.59 -14.95 -24.18
CA GLN B 132 8.19 -15.23 -24.53
C GLN B 132 8.06 -16.10 -25.76
N LYS B 133 9.04 -16.03 -26.69
CA LYS B 133 9.10 -16.86 -27.89
C LYS B 133 9.26 -18.34 -27.47
N ASP B 134 10.14 -18.60 -26.49
CA ASP B 134 10.42 -19.95 -25.97
C ASP B 134 9.35 -20.46 -25.03
N TYR B 135 8.61 -19.55 -24.35
CA TYR B 135 7.54 -19.90 -23.42
C TYR B 135 6.26 -19.15 -23.81
N PRO B 136 5.68 -19.45 -25.00
CA PRO B 136 4.46 -18.74 -25.42
C PRO B 136 3.25 -19.01 -24.53
N GLY B 137 2.42 -17.99 -24.37
CA GLY B 137 1.20 -18.07 -23.58
C GLY B 137 1.37 -17.89 -22.08
N LEU B 138 2.61 -17.84 -21.60
CA LEU B 138 2.86 -17.68 -20.17
C LEU B 138 2.73 -16.23 -19.74
N PRO B 139 2.12 -15.93 -18.57
CA PRO B 139 2.10 -14.55 -18.08
C PRO B 139 3.52 -14.09 -17.70
N VAL B 140 3.80 -12.80 -17.89
CA VAL B 140 5.11 -12.24 -17.60
C VAL B 140 5.00 -11.08 -16.60
N PHE B 141 5.80 -11.15 -15.53
CA PHE B 141 5.88 -10.14 -14.47
C PHE B 141 7.22 -9.38 -14.56
N LEU B 142 7.27 -8.21 -13.92
CA LEU B 142 8.49 -7.42 -13.80
C LEU B 142 8.74 -7.19 -12.33
N LEU B 143 10.00 -7.20 -11.91
CA LEU B 143 10.37 -6.87 -10.54
C LEU B 143 11.51 -5.87 -10.66
N GLY B 144 11.33 -4.69 -10.11
CA GLY B 144 12.37 -3.67 -10.19
C GLY B 144 12.69 -2.99 -8.86
N HIS B 145 13.98 -2.70 -8.64
CA HIS B 145 14.42 -1.95 -7.47
C HIS B 145 15.09 -0.68 -7.90
N SER B 146 14.71 0.46 -7.27
CA SER B 146 15.32 1.79 -7.49
C SER B 146 15.22 2.19 -9.00
N MET B 147 16.36 2.42 -9.70
CA MET B 147 16.42 2.69 -11.13
C MET B 147 15.75 1.54 -11.92
N GLY B 148 15.90 0.30 -11.45
CA GLY B 148 15.27 -0.88 -12.03
C GLY B 148 13.76 -0.83 -12.01
N GLY B 149 13.21 -0.16 -11.00
CA GLY B 149 11.79 0.10 -10.81
C GLY B 149 11.30 1.10 -11.84
N ALA B 150 12.08 2.19 -12.07
CA ALA B 150 11.78 3.20 -13.10
C ALA B 150 11.76 2.52 -14.49
N ILE B 151 12.72 1.62 -14.74
CA ILE B 151 12.82 0.81 -15.98
C ILE B 151 11.58 -0.08 -16.10
N ALA B 152 11.16 -0.75 -15.01
CA ALA B 152 9.96 -1.61 -15.02
C ALA B 152 8.69 -0.80 -15.38
N ILE B 153 8.53 0.38 -14.75
CA ILE B 153 7.37 1.26 -14.99
C ILE B 153 7.32 1.63 -16.47
N LEU B 154 8.46 2.13 -17.01
CA LEU B 154 8.57 2.56 -18.40
C LEU B 154 8.40 1.40 -19.39
N THR B 155 8.81 0.17 -18.99
CA THR B 155 8.65 -1.04 -19.80
C THR B 155 7.16 -1.37 -19.93
N ALA B 156 6.42 -1.37 -18.79
CA ALA B 156 4.98 -1.65 -18.75
C ALA B 156 4.17 -0.57 -19.46
N ALA B 157 4.55 0.72 -19.31
CA ALA B 157 3.86 1.85 -19.95
C ALA B 157 3.92 1.80 -21.48
N GLU B 158 5.02 1.27 -22.03
CA GLU B 158 5.23 1.12 -23.45
C GLU B 158 4.37 -0.02 -24.05
N ARG B 159 4.04 -1.06 -23.27
CA ARG B 159 3.20 -2.20 -23.71
C ARG B 159 1.98 -2.35 -22.79
N PRO B 160 0.95 -1.45 -22.88
CA PRO B 160 -0.23 -1.60 -22.00
C PRO B 160 -0.95 -2.94 -22.21
N GLY B 161 -1.33 -3.56 -21.09
CA GLY B 161 -2.02 -4.84 -21.04
C GLY B 161 -1.18 -6.07 -21.30
N HIS B 162 0.14 -5.89 -21.52
CA HIS B 162 1.07 -6.99 -21.84
C HIS B 162 1.59 -7.72 -20.60
N PHE B 163 1.88 -6.98 -19.51
CA PHE B 163 2.44 -7.56 -18.29
C PHE B 163 1.36 -7.91 -17.26
N ALA B 164 1.50 -9.06 -16.62
CA ALA B 164 0.52 -9.52 -15.62
C ALA B 164 0.62 -8.73 -14.31
N GLY B 165 1.80 -8.20 -14.03
CA GLY B 165 2.04 -7.46 -12.81
C GLY B 165 3.44 -6.96 -12.66
N MET B 166 3.63 -6.10 -11.67
CA MET B 166 4.91 -5.46 -11.42
C MET B 166 5.20 -5.37 -9.90
N VAL B 167 6.42 -5.76 -9.48
CA VAL B 167 6.83 -5.63 -8.08
C VAL B 167 7.86 -4.51 -8.04
N LEU B 168 7.57 -3.46 -7.28
CA LEU B 168 8.48 -2.32 -7.16
C LEU B 168 9.01 -2.21 -5.77
N ILE B 169 10.35 -2.28 -5.63
CA ILE B 169 11.04 -2.13 -4.33
C ILE B 169 11.72 -0.78 -4.36
N SER B 170 11.22 0.19 -3.55
CA SER B 170 11.73 1.57 -3.49
C SER B 170 12.12 2.11 -4.90
N PRO B 171 11.14 2.21 -5.85
CA PRO B 171 11.50 2.65 -7.20
C PRO B 171 11.89 4.10 -7.29
N LEU B 172 12.68 4.45 -8.32
CA LEU B 172 13.11 5.82 -8.60
C LEU B 172 11.94 6.49 -9.30
N VAL B 173 11.30 7.40 -8.61
CA VAL B 173 10.07 8.05 -9.09
C VAL B 173 10.14 9.56 -9.01
N LEU B 174 10.86 10.07 -8.01
CA LEU B 174 10.95 11.47 -7.64
C LEU B 174 12.39 11.97 -7.63
N ALA B 175 12.63 13.14 -8.27
CA ALA B 175 13.95 13.77 -8.37
C ALA B 175 14.35 14.45 -7.07
N LYS B 184 20.41 23.11 -12.27
CA LYS B 184 21.04 23.39 -13.54
C LYS B 184 22.30 22.53 -13.78
N VAL B 185 22.11 21.19 -13.80
CA VAL B 185 23.18 20.22 -14.10
C VAL B 185 23.39 20.13 -15.62
N LEU B 186 22.45 20.73 -16.40
CA LEU B 186 22.48 20.84 -17.86
C LEU B 186 23.64 21.77 -18.25
N ALA B 187 23.98 22.74 -17.37
CA ALA B 187 25.11 23.66 -17.53
C ALA B 187 26.40 22.85 -17.38
N ALA B 188 26.39 21.86 -16.46
CA ALA B 188 27.50 20.94 -16.24
C ALA B 188 27.59 19.87 -17.34
N LYS B 189 26.50 19.65 -18.14
CA LYS B 189 26.46 18.71 -19.26
C LYS B 189 27.35 19.22 -20.41
N VAL B 190 27.35 20.55 -20.64
CA VAL B 190 28.19 21.18 -21.67
C VAL B 190 29.64 21.30 -21.14
N LEU B 191 29.79 21.22 -19.80
CA LEU B 191 31.07 21.19 -19.09
C LEU B 191 31.53 19.72 -18.97
N ASN B 192 30.63 18.76 -19.33
CA ASN B 192 30.89 17.32 -19.36
C ASN B 192 31.40 16.92 -20.76
N LEU B 193 31.89 17.94 -21.50
CA LEU B 193 32.50 17.86 -22.84
C LEU B 193 33.98 18.27 -22.69
N VAL B 194 34.27 19.11 -21.67
CA VAL B 194 35.61 19.57 -21.30
C VAL B 194 36.09 18.76 -20.06
N LEU B 195 35.13 18.29 -19.22
CA LEU B 195 35.31 17.45 -18.03
C LEU B 195 34.23 16.33 -18.07
N PRO B 196 34.42 15.23 -18.84
CA PRO B 196 33.37 14.19 -18.92
C PRO B 196 33.15 13.34 -17.67
N ASN B 197 34.22 13.13 -16.88
CA ASN B 197 34.17 12.33 -15.66
C ASN B 197 33.51 13.05 -14.47
N LEU B 198 32.99 14.29 -14.68
CA LEU B 198 32.36 15.10 -13.64
C LEU B 198 31.30 14.32 -12.87
N SER B 199 31.54 14.13 -11.58
CA SER B 199 30.68 13.37 -10.70
C SER B 199 30.00 14.21 -9.63
N LEU B 200 28.97 13.64 -9.06
CA LEU B 200 28.14 14.24 -8.02
C LEU B 200 28.69 13.99 -6.62
N GLY B 201 29.50 12.94 -6.47
CA GLY B 201 30.07 12.58 -5.18
C GLY B 201 29.45 11.27 -4.73
N PRO B 202 30.22 10.32 -4.17
CA PRO B 202 29.59 9.04 -3.78
C PRO B 202 28.68 9.20 -2.58
N ILE B 203 27.74 8.25 -2.42
CA ILE B 203 26.83 8.27 -1.29
C ILE B 203 27.44 7.52 -0.12
N ASP B 204 26.96 7.79 1.09
CA ASP B 204 27.38 7.11 2.30
C ASP B 204 26.65 5.75 2.20
N SER B 205 27.41 4.65 2.06
CA SER B 205 26.83 3.32 1.93
C SER B 205 25.96 2.90 3.13
N SER B 206 26.13 3.59 4.29
CA SER B 206 25.37 3.35 5.52
C SER B 206 23.88 3.70 5.40
N VAL B 207 23.54 4.50 4.38
CA VAL B 207 22.19 4.96 4.01
C VAL B 207 21.39 3.85 3.29
N LEU B 208 22.07 2.81 2.79
CA LEU B 208 21.43 1.75 2.01
C LEU B 208 20.60 0.78 2.84
N SER B 209 21.10 0.38 4.01
CA SER B 209 20.40 -0.57 4.84
C SER B 209 20.84 -0.41 6.29
N ARG B 210 19.93 -0.69 7.25
CA ARG B 210 20.28 -0.68 8.68
C ARG B 210 21.05 -1.96 9.02
N ASN B 211 21.02 -2.96 8.12
CA ASN B 211 21.73 -4.22 8.29
C ASN B 211 23.20 -4.00 7.91
N LYS B 212 24.07 -3.91 8.92
CA LYS B 212 25.51 -3.64 8.78
C LYS B 212 26.25 -4.68 7.95
N THR B 213 25.84 -5.96 8.05
CA THR B 213 26.42 -7.06 7.28
C THR B 213 26.18 -6.81 5.78
N GLU B 214 24.95 -6.38 5.42
CA GLU B 214 24.56 -6.09 4.04
C GLU B 214 25.29 -4.85 3.48
N VAL B 215 25.59 -3.86 4.34
CA VAL B 215 26.39 -2.68 3.93
C VAL B 215 27.83 -3.17 3.62
N ASP B 216 28.35 -4.08 4.46
CA ASP B 216 29.68 -4.65 4.26
C ASP B 216 29.78 -5.50 2.98
N ILE B 217 28.73 -6.30 2.68
CA ILE B 217 28.65 -7.14 1.46
C ILE B 217 28.65 -6.21 0.23
N TYR B 218 27.85 -5.13 0.30
CA TYR B 218 27.74 -4.11 -0.76
C TYR B 218 29.11 -3.48 -1.03
N ASN B 219 29.82 -3.10 0.04
CA ASN B 219 31.12 -2.44 -0.05
C ASN B 219 32.24 -3.30 -0.58
N SER B 220 32.09 -4.64 -0.57
CA SER B 220 33.16 -5.52 -1.01
C SER B 220 32.82 -6.33 -2.27
N ASP B 221 31.70 -6.01 -2.93
CA ASP B 221 31.33 -6.71 -4.16
C ASP B 221 32.06 -6.02 -5.32
N PRO B 222 32.96 -6.76 -6.01
CA PRO B 222 33.71 -6.14 -7.12
C PRO B 222 32.87 -5.80 -8.34
N LEU B 223 31.64 -6.33 -8.45
CA LEU B 223 30.74 -6.04 -9.57
C LEU B 223 29.88 -4.81 -9.35
N ILE B 224 29.96 -4.20 -8.15
CA ILE B 224 29.21 -3.00 -7.83
C ILE B 224 30.07 -1.78 -8.13
N CYS B 225 29.52 -0.79 -8.83
CA CYS B 225 30.24 0.47 -9.05
C CYS B 225 29.78 1.40 -7.91
N ARG B 226 30.74 1.74 -7.02
CA ARG B 226 30.54 2.58 -5.83
C ARG B 226 30.99 4.01 -6.08
N ALA B 227 31.56 4.28 -7.28
CA ALA B 227 31.97 5.60 -7.73
C ALA B 227 30.77 6.54 -7.70
N GLY B 228 31.03 7.82 -7.53
CA GLY B 228 29.99 8.83 -7.55
C GLY B 228 29.27 8.86 -8.89
N LEU B 229 28.02 9.29 -8.86
CA LEU B 229 27.16 9.40 -10.03
C LEU B 229 27.68 10.46 -11.01
N LYS B 230 27.90 10.06 -12.28
CA LYS B 230 28.40 11.00 -13.30
C LYS B 230 27.26 11.93 -13.73
N VAL B 231 27.59 13.20 -13.98
CA VAL B 231 26.64 14.24 -14.41
C VAL B 231 25.82 13.78 -15.61
N CYS B 232 26.47 13.20 -16.65
CA CYS B 232 25.76 12.66 -17.82
C CYS B 232 24.71 11.60 -17.41
N PHE B 233 25.03 10.71 -16.45
CA PHE B 233 24.11 9.69 -15.95
C PHE B 233 23.01 10.28 -15.07
N GLY B 234 23.34 11.31 -14.29
CA GLY B 234 22.40 12.04 -13.46
C GLY B 234 21.31 12.68 -14.29
N ILE B 235 21.69 13.24 -15.46
CA ILE B 235 20.76 13.81 -16.43
C ILE B 235 19.82 12.70 -16.97
N GLN B 236 20.37 11.50 -17.22
CA GLN B 236 19.57 10.36 -17.69
C GLN B 236 18.57 9.87 -16.62
N LEU B 237 18.95 9.94 -15.33
CA LEU B 237 18.05 9.59 -14.22
C LEU B 237 16.94 10.66 -14.08
N LEU B 238 17.24 11.92 -14.43
CA LEU B 238 16.24 13.00 -14.45
C LEU B 238 15.27 12.76 -15.62
N ASN B 239 15.79 12.31 -16.79
CA ASN B 239 14.95 11.93 -17.94
C ASN B 239 14.01 10.81 -17.51
N ALA B 240 14.53 9.77 -16.81
CA ALA B 240 13.73 8.65 -16.31
C ALA B 240 12.55 9.12 -15.46
N VAL B 241 12.84 9.98 -14.48
CA VAL B 241 11.89 10.53 -13.51
C VAL B 241 10.78 11.33 -14.23
N SER B 242 11.17 12.18 -15.19
CA SER B 242 10.28 12.99 -16.03
C SER B 242 9.42 12.07 -16.90
N ARG B 243 10.01 11.00 -17.47
CA ARG B 243 9.29 10.04 -18.30
C ARG B 243 8.32 9.18 -17.49
N VAL B 244 8.67 8.81 -16.23
CA VAL B 244 7.80 8.06 -15.32
C VAL B 244 6.53 8.89 -14.99
N GLU B 245 6.71 10.20 -14.71
CA GLU B 245 5.63 11.12 -14.40
C GLU B 245 4.61 11.19 -15.55
N ARG B 246 5.08 11.30 -16.79
CA ARG B 246 4.22 11.36 -17.98
C ARG B 246 3.58 9.99 -18.28
N ALA B 247 4.26 8.90 -17.91
CA ALA B 247 3.74 7.54 -18.12
C ALA B 247 2.65 7.13 -17.13
N LEU B 248 2.65 7.66 -15.89
CA LEU B 248 1.70 7.29 -14.84
C LEU B 248 0.21 7.35 -15.27
N PRO B 249 -0.31 8.42 -15.95
CA PRO B 249 -1.73 8.39 -16.37
C PRO B 249 -2.10 7.28 -17.36
N LYS B 250 -1.12 6.57 -17.93
CA LYS B 250 -1.37 5.47 -18.86
C LYS B 250 -0.92 4.12 -18.27
N LEU B 251 -0.40 4.12 -17.03
CA LEU B 251 0.06 2.90 -16.35
C LEU B 251 -1.16 2.21 -15.76
N THR B 252 -1.46 0.99 -16.24
CA THR B 252 -2.64 0.22 -15.85
C THR B 252 -2.30 -1.14 -15.28
N VAL B 253 -1.02 -1.51 -15.37
CA VAL B 253 -0.50 -2.80 -14.93
C VAL B 253 -0.72 -2.99 -13.41
N PRO B 254 -1.15 -4.18 -12.94
CA PRO B 254 -1.25 -4.40 -11.50
C PRO B 254 0.13 -4.24 -10.84
N PHE B 255 0.20 -3.65 -9.62
CA PHE B 255 1.51 -3.55 -8.98
C PHE B 255 1.50 -3.60 -7.45
N LEU B 256 2.61 -4.11 -6.90
CA LEU B 256 2.91 -4.13 -5.48
C LEU B 256 4.09 -3.16 -5.33
N LEU B 257 3.93 -2.18 -4.42
CA LEU B 257 4.91 -1.15 -4.12
C LEU B 257 5.37 -1.29 -2.66
N LEU B 258 6.69 -1.52 -2.47
CA LEU B 258 7.32 -1.70 -1.16
C LEU B 258 8.26 -0.53 -0.95
N GLN B 259 8.11 0.19 0.17
CA GLN B 259 8.87 1.40 0.44
C GLN B 259 9.23 1.59 1.93
N GLY B 260 10.49 1.95 2.19
CA GLY B 260 10.98 2.25 3.53
C GLY B 260 10.72 3.71 3.82
N SER B 261 10.26 4.02 5.04
CA SER B 261 9.93 5.40 5.43
C SER B 261 11.16 6.28 5.65
N ALA B 262 12.34 5.67 5.92
CA ALA B 262 13.57 6.41 6.19
C ALA B 262 14.57 6.30 5.04
N ASP B 263 14.05 6.19 3.81
CA ASP B 263 14.84 6.06 2.59
C ASP B 263 15.33 7.44 2.15
N ARG B 264 16.66 7.60 2.11
CA ARG B 264 17.33 8.86 1.76
C ARG B 264 17.62 8.99 0.26
N LEU B 265 17.50 7.88 -0.50
CA LEU B 265 17.77 7.87 -1.94
C LEU B 265 16.49 8.05 -2.72
N CYS B 266 15.45 7.27 -2.39
CA CYS B 266 14.15 7.39 -3.02
C CYS B 266 13.17 7.72 -1.91
N ASP B 267 12.89 9.01 -1.77
CA ASP B 267 11.98 9.56 -0.75
C ASP B 267 10.61 8.90 -0.80
N SER B 268 10.08 8.51 0.38
CA SER B 268 8.76 7.85 0.51
C SER B 268 7.61 8.61 -0.15
N LYS B 269 7.74 9.95 -0.29
CA LYS B 269 6.77 10.83 -0.94
C LYS B 269 6.47 10.36 -2.38
N GLY B 270 7.51 9.87 -3.07
CA GLY B 270 7.40 9.33 -4.44
C GLY B 270 6.54 8.10 -4.53
N ALA B 271 6.55 7.25 -3.47
CA ALA B 271 5.71 6.06 -3.41
C ALA B 271 4.22 6.47 -3.28
N TYR B 272 3.93 7.52 -2.47
CA TYR B 272 2.56 8.03 -2.30
C TYR B 272 2.02 8.60 -3.60
N LEU B 273 2.88 9.34 -4.33
CA LEU B 273 2.55 9.94 -5.64
C LEU B 273 2.26 8.90 -6.73
N LEU B 274 3.02 7.79 -6.73
CA LEU B 274 2.82 6.66 -7.63
C LEU B 274 1.46 5.99 -7.39
N MET B 275 1.09 5.79 -6.11
CA MET B 275 -0.21 5.25 -5.70
C MET B 275 -1.36 6.13 -6.17
N GLU B 276 -1.16 7.44 -6.10
CA GLU B 276 -2.16 8.43 -6.48
C GLU B 276 -2.31 8.63 -7.99
N LEU B 277 -1.19 8.70 -8.71
CA LEU B 277 -1.23 9.06 -10.13
C LEU B 277 -1.35 7.88 -11.11
N ALA B 278 -0.91 6.66 -10.73
CA ALA B 278 -1.03 5.47 -11.59
C ALA B 278 -2.50 5.14 -11.79
N LYS B 279 -2.89 4.75 -13.01
CA LYS B 279 -4.29 4.44 -13.26
C LYS B 279 -4.66 2.99 -12.96
N SER B 280 -3.69 2.15 -12.59
CA SER B 280 -3.87 0.73 -12.26
C SER B 280 -5.04 0.50 -11.30
N GLN B 281 -5.90 -0.48 -11.63
CA GLN B 281 -7.05 -0.87 -10.79
C GLN B 281 -6.61 -1.76 -9.62
N ASP B 282 -5.43 -2.37 -9.74
CA ASP B 282 -4.87 -3.28 -8.75
C ASP B 282 -3.51 -2.74 -8.26
N LYS B 283 -3.54 -1.91 -7.20
CA LYS B 283 -2.30 -1.31 -6.65
C LYS B 283 -2.25 -1.38 -5.13
N THR B 284 -1.12 -1.88 -4.60
CA THR B 284 -0.92 -2.07 -3.16
C THR B 284 0.37 -1.41 -2.72
N LEU B 285 0.30 -0.70 -1.59
CA LEU B 285 1.46 -0.07 -0.99
C LEU B 285 1.72 -0.64 0.41
N LYS B 286 2.97 -0.99 0.68
CA LYS B 286 3.39 -1.42 2.01
C LYS B 286 4.56 -0.51 2.46
N ILE B 287 4.39 0.20 3.57
CA ILE B 287 5.43 1.06 4.14
C ILE B 287 6.15 0.33 5.28
N TYR B 288 7.49 0.35 5.26
CA TYR B 288 8.34 -0.23 6.30
C TYR B 288 8.91 0.91 7.15
N GLU B 289 8.36 1.06 8.37
CA GLU B 289 8.69 2.14 9.30
C GLU B 289 10.17 2.11 9.76
N GLY B 290 10.88 3.20 9.48
CA GLY B 290 12.30 3.34 9.83
C GLY B 290 13.27 2.63 8.90
N ALA B 291 12.76 1.82 7.94
CA ALA B 291 13.60 1.07 7.00
C ALA B 291 14.26 1.98 5.96
N TYR B 292 15.46 1.57 5.52
CA TYR B 292 16.24 2.32 4.54
C TYR B 292 15.87 1.96 3.09
N HIS B 293 16.84 2.04 2.16
CA HIS B 293 16.59 1.88 0.74
C HIS B 293 16.51 0.42 0.24
N VAL B 294 17.47 -0.43 0.63
CA VAL B 294 17.55 -1.80 0.13
C VAL B 294 16.75 -2.74 1.02
N LEU B 295 15.41 -2.73 0.83
CA LEU B 295 14.41 -3.47 1.63
C LEU B 295 14.58 -4.97 1.65
N HIS B 296 15.01 -5.54 0.53
CA HIS B 296 15.25 -6.98 0.39
C HIS B 296 16.65 -7.38 0.96
N LYS B 297 17.36 -6.40 1.54
CA LYS B 297 18.68 -6.58 2.19
C LYS B 297 18.72 -5.73 3.46
N GLU B 298 17.56 -5.62 4.13
CA GLU B 298 17.39 -4.83 5.35
C GLU B 298 17.54 -5.67 6.61
N LEU B 299 17.01 -5.19 7.76
CA LEU B 299 17.03 -5.97 8.99
C LEU B 299 16.17 -7.22 8.76
N PRO B 300 16.54 -8.40 9.33
CA PRO B 300 15.76 -9.64 9.07
C PRO B 300 14.24 -9.54 9.14
N GLU B 301 13.69 -8.78 10.11
CA GLU B 301 12.25 -8.60 10.26
C GLU B 301 11.62 -7.95 9.00
N VAL B 302 12.34 -7.00 8.36
CA VAL B 302 11.87 -6.30 7.15
C VAL B 302 12.02 -7.20 5.93
N THR B 303 13.22 -7.82 5.77
CA THR B 303 13.56 -8.69 4.64
C THR B 303 12.63 -9.89 4.57
N ASN B 304 12.33 -10.54 5.72
CA ASN B 304 11.41 -11.67 5.79
C ASN B 304 9.99 -11.29 5.36
N SER B 305 9.53 -10.11 5.79
CA SER B 305 8.23 -9.58 5.40
C SER B 305 8.20 -9.27 3.89
N VAL B 306 9.24 -8.58 3.37
CA VAL B 306 9.39 -8.25 1.94
C VAL B 306 9.27 -9.52 1.07
N PHE B 307 10.03 -10.57 1.43
CA PHE B 307 10.02 -11.85 0.72
C PHE B 307 8.62 -12.49 0.76
N HIS B 308 7.99 -12.50 1.95
CA HIS B 308 6.67 -13.10 2.14
C HIS B 308 5.57 -12.38 1.33
N GLU B 309 5.59 -11.03 1.34
CA GLU B 309 4.66 -10.18 0.62
C GLU B 309 4.75 -10.37 -0.89
N ILE B 310 5.99 -10.47 -1.44
CA ILE B 310 6.22 -10.69 -2.89
C ILE B 310 5.71 -12.09 -3.23
N ASN B 311 6.06 -13.08 -2.37
CA ASN B 311 5.63 -14.45 -2.51
C ASN B 311 4.10 -14.52 -2.65
N MET B 312 3.36 -13.96 -1.66
CA MET B 312 1.89 -13.95 -1.65
C MET B 312 1.28 -13.21 -2.84
N TRP B 313 1.80 -12.02 -3.16
CA TRP B 313 1.29 -11.19 -4.24
C TRP B 313 1.42 -11.84 -5.63
N VAL B 314 2.60 -12.40 -5.93
CA VAL B 314 2.85 -13.07 -7.22
C VAL B 314 2.02 -14.36 -7.28
N SER B 315 2.03 -15.14 -6.20
CA SER B 315 1.32 -16.40 -6.06
C SER B 315 -0.19 -16.26 -6.34
N GLN B 316 -0.82 -15.17 -5.84
CA GLN B 316 -2.24 -14.90 -6.04
C GLN B 316 -2.55 -14.53 -7.49
N ARG B 317 -1.57 -13.93 -8.21
CA ARG B 317 -1.74 -13.50 -9.58
C ARG B 317 -1.22 -14.51 -10.61
N THR B 318 -0.62 -15.61 -10.12
CA THR B 318 -0.07 -16.72 -10.91
C THR B 318 -1.10 -17.84 -10.93
N ALA B 319 -1.84 -18.01 -9.81
CA ALA B 319 -2.96 -18.97 -9.68
C ALA B 319 -4.07 -18.57 -10.69
N THR B 320 -4.28 -17.23 -10.86
CA THR B 320 -5.21 -16.49 -11.74
C THR B 320 -6.30 -17.37 -12.41
N3 C0S C . -18.15 10.17 7.87
C4 C0S C . -17.10 16.15 8.68
N2 C0S C . -19.04 15.27 7.26
C7 C0S C . -17.84 15.10 7.91
C6 C0S C . -15.13 16.88 9.92
C9 C0S C . -18.63 11.81 6.63
C8 C0S C . -18.40 13.18 7.06
C1 C0S C . -15.71 18.16 10.08
C2 C0S C . -16.97 18.43 9.54
C3 C0S C . -17.68 17.45 8.84
C5 C0S C . -15.82 15.88 9.22
N1 C0S C . -17.40 13.73 7.78
O1 C0S C . -19.38 14.09 6.73
C10 C0S C . -17.43 10.82 6.78
C11 C0S C . -19.36 11.01 7.76
C12 C0S C . -18.16 8.74 8.08
O2 C0S C . -18.93 8.19 8.89
H5 C0S C . -14.15 16.67 10.33
H6 C0S C . -19.12 11.79 5.66
H1 C0S C . -15.16 18.92 10.62
H2 C0S C . -17.42 19.42 9.67
H3 C0S C . -18.66 17.68 8.43
H4 C0S C . -15.35 14.91 9.10
H8 C0S C . -16.46 11.26 7.00
H7 C0S C . -17.29 10.17 5.90
H10 C0S C . -20.24 10.47 7.46
H9 C0S C . -19.64 11.58 8.64
C1 GOL D . -20.39 7.84 6.10
O1 GOL D . -20.67 8.93 5.23
C2 GOL D . -21.48 6.81 6.09
O2 GOL D . -21.24 5.84 7.12
C3 GOL D . -21.57 6.13 4.73
O3 GOL D . -21.14 4.78 4.76
C1 GOL E . -19.80 20.41 23.34
O1 GOL E . -21.03 20.96 23.81
C2 GOL E . -19.19 21.20 22.20
O2 GOL E . -17.83 20.78 22.02
C3 GOL E . -19.25 22.70 22.42
O3 GOL E . -18.87 23.42 21.25
N3 C0S F . 18.65 4.94 -7.56
C4 C0S F . 19.57 10.75 -8.43
N2 C0S F . 21.00 9.48 -6.78
C7 C0S F . 19.87 9.64 -7.53
C6 C0S F . 18.12 11.83 -10.04
C9 C0S F . 19.59 6.30 -6.25
C8 C0S F . 19.77 7.68 -6.62
C1 C0S F . 19.09 12.82 -10.24
C2 C0S F . 20.29 12.80 -9.53
C3 C0S F . 20.53 11.77 -8.61
C5 C0S F . 18.35 10.78 -9.14
N1 C0S F . 19.05 8.47 -7.42
O1 C0S F . 20.94 8.28 -6.21
C10 C0S F . 18.15 5.75 -6.44
C11 C0S F . 20.03 5.40 -7.44
C12 C0S F . 18.36 3.55 -7.72
O2 C0S F . 19.02 2.82 -8.48
H5 C0S F . 17.18 11.87 -10.58
H6 C0S F . 20.06 6.08 -5.29
H1 C0S F . 18.91 13.61 -10.96
H2 C0S F . 21.03 13.57 -9.69
H3 C0S F . 21.47 11.78 -8.06
H4 C0S F . 17.59 10.03 -8.99
H8 C0S F . 17.36 6.48 -6.64
H7 C0S F . 17.79 5.16 -5.59
H10 C0S F . 20.71 4.58 -7.17
H9 C0S F . 20.48 5.90 -8.29
C1 GOL G . 21.60 -0.33 -4.15
O1 GOL G . 21.09 -1.66 -4.05
C2 GOL G . 20.69 0.55 -4.98
O2 GOL G . 20.77 0.21 -6.36
C3 GOL G . 20.97 2.03 -4.79
O3 GOL G . 22.31 2.38 -5.16
#